data_4FS7
#
_entry.id   4FS7
#
_cell.length_a   36.199
_cell.length_b   84.416
_cell.length_c   121.937
_cell.angle_alpha   90.00
_cell.angle_beta   90.00
_cell.angle_gamma   90.00
#
_symmetry.space_group_name_H-M   'P 21 21 21'
#
loop_
_entity.id
_entity.type
_entity.pdbx_description
1 polymer 'Uncharacterized protein'
2 non-polymer 1,2-ETHANEDIOL
3 water water
#
_entity_poly.entity_id   1
_entity_poly.type   'polypeptide(L)'
_entity_poly.pdbx_seq_one_letter_code
;GYDFVIDEITYNFTKEHGTVEVSGLREFLNLEPGDRNSSLPLVVNIPPVVTYKDNKYDVVSIGYAAFQGCRKVTEIKIPS
TVREIGEFAFENCSKLEIINIPDSVK(MSE)IGRCTFSGCYALKSILLPL(MSE)LKSIGVEAFKGCDFKEITIPEGVTV
IGDEAFATCESLEYVSLPDS(MSE)ETLHNGLFSGCGKLKSIKLPRNLKIIRDYCFAECILLEN(MSE)EFPNSLYYLGD
FALSKTGVKNIIIPDSFTELGKSVFYGCTDLESISIQNNKLRIGGSLFYNCSGLKKVIYGSVIVPEKTFYGCSSLTEVKL
LDSVKFIGEEAFESCTSLVSIDLPYLVEEIGKRSFRGCTSLSNINFPLSLRKIGANAFQGCINLKKVELPKRLEQYRYDF
EDTTKFKWIK
;
_entity_poly.pdbx_strand_id   A
#
loop_
_chem_comp.id
_chem_comp.type
_chem_comp.name
_chem_comp.formula
EDO non-polymer 1,2-ETHANEDIOL 'C2 H6 O2'
#
# COMPACT_ATOMS: atom_id res chain seq x y z
N TYR A 2 35.00 -15.53 -12.02
CA TYR A 2 35.27 -14.55 -13.14
C TYR A 2 36.26 -15.08 -14.18
N ASP A 3 36.32 -14.43 -15.35
CA ASP A 3 37.26 -14.81 -16.43
C ASP A 3 38.59 -14.06 -16.34
N PHE A 4 38.58 -12.77 -16.07
CA PHE A 4 39.80 -12.01 -15.82
C PHE A 4 39.53 -10.75 -15.02
N VAL A 5 40.60 -10.09 -14.58
CA VAL A 5 40.59 -8.90 -13.72
C VAL A 5 41.40 -7.81 -14.38
N ILE A 6 40.88 -6.58 -14.38
CA ILE A 6 41.64 -5.38 -14.78
C ILE A 6 41.47 -4.35 -13.66
N ASP A 7 42.59 -3.87 -13.11
CA ASP A 7 42.56 -2.98 -11.96
C ASP A 7 41.68 -3.61 -10.86
N GLU A 8 40.67 -2.89 -10.40
CA GLU A 8 39.86 -3.37 -9.27
C GLU A 8 38.64 -4.19 -9.69
N ILE A 9 38.46 -4.47 -10.98
CA ILE A 9 37.18 -4.98 -11.49
C ILE A 9 37.35 -6.33 -12.17
N THR A 10 36.41 -7.23 -11.96
CA THR A 10 36.41 -8.53 -12.61
C THR A 10 35.38 -8.59 -13.75
N TYR A 11 35.68 -9.40 -14.76
CA TYR A 11 34.96 -9.47 -16.00
C TYR A 11 34.69 -10.90 -16.38
N ASN A 12 33.55 -11.11 -17.01
CA ASN A 12 33.21 -12.35 -17.68
C ASN A 12 32.96 -12.11 -19.18
N PHE A 13 33.45 -13.00 -20.01
CA PHE A 13 33.09 -12.95 -21.44
C PHE A 13 31.59 -13.18 -21.62
N THR A 14 31.01 -12.43 -22.55
CA THR A 14 29.60 -12.55 -22.93
C THR A 14 29.49 -12.99 -24.39
N LYS A 15 28.29 -13.46 -24.78
CA LYS A 15 28.14 -14.16 -26.05
C LYS A 15 28.45 -13.28 -27.27
N GLU A 16 28.08 -11.99 -27.20
CA GLU A 16 28.34 -11.08 -28.31
C GLU A 16 29.84 -10.93 -28.55
N HIS A 17 30.24 -11.04 -29.82
CA HIS A 17 31.64 -10.95 -30.22
C HIS A 17 32.28 -9.70 -29.68
N GLY A 18 33.41 -9.90 -29.01
CA GLY A 18 34.24 -8.82 -28.50
C GLY A 18 33.66 -8.05 -27.34
N THR A 19 32.86 -8.71 -26.51
CA THR A 19 32.20 -8.07 -25.36
C THR A 19 32.45 -8.79 -24.04
N VAL A 20 32.38 -8.02 -22.97
CA VAL A 20 32.43 -8.52 -21.61
C VAL A 20 31.37 -7.86 -20.75
N GLU A 21 31.06 -8.56 -19.66
CA GLU A 21 30.20 -8.04 -18.59
CA GLU A 21 30.21 -8.09 -18.59
C GLU A 21 31.07 -7.84 -17.35
N VAL A 22 30.79 -6.79 -16.59
CA VAL A 22 31.36 -6.62 -15.26
C VAL A 22 30.75 -7.68 -14.35
N SER A 23 31.59 -8.48 -13.72
CA SER A 23 31.12 -9.55 -12.87
C SER A 23 31.37 -9.33 -11.39
N GLY A 24 32.05 -8.26 -11.02
CA GLY A 24 32.32 -8.00 -9.61
C GLY A 24 33.53 -7.14 -9.42
N LEU A 25 33.96 -7.08 -8.16
CA LEU A 25 35.18 -6.41 -7.74
C LEU A 25 36.20 -7.43 -7.28
N ARG A 26 37.47 -7.06 -7.44
CA ARG A 26 38.57 -7.74 -6.81
C ARG A 26 38.30 -7.86 -5.30
N GLU A 27 38.51 -9.07 -4.78
CA GLU A 27 38.25 -9.36 -3.38
CA GLU A 27 38.23 -9.42 -3.38
C GLU A 27 39.52 -9.90 -2.72
N PHE A 28 39.82 -9.37 -1.54
CA PHE A 28 40.88 -9.97 -0.71
C PHE A 28 40.28 -11.03 0.21
N LEU A 29 40.91 -12.22 0.24
CA LEU A 29 40.44 -13.34 1.06
C LEU A 29 40.67 -13.09 2.54
N ASN A 30 41.67 -12.27 2.84
CA ASN A 30 41.98 -11.89 4.21
C ASN A 30 42.06 -10.38 4.31
N PRO A 41 36.13 6.21 1.40
CA PRO A 41 35.33 6.33 0.15
C PRO A 41 35.91 5.51 -0.99
N LEU A 42 35.12 4.53 -1.43
CA LEU A 42 35.59 3.57 -2.37
C LEU A 42 34.82 3.76 -3.65
N VAL A 43 35.52 4.21 -4.68
CA VAL A 43 34.93 4.51 -5.97
C VAL A 43 35.29 3.42 -6.98
N VAL A 44 34.27 2.88 -7.63
CA VAL A 44 34.44 1.87 -8.67
C VAL A 44 34.25 2.54 -10.00
N ASN A 45 35.33 2.62 -10.78
CA ASN A 45 35.34 3.33 -12.02
C ASN A 45 35.34 2.34 -13.19
N ILE A 46 34.17 2.04 -13.78
CA ILE A 46 34.11 1.00 -14.77
C ILE A 46 34.49 1.58 -16.15
N PRO A 47 35.51 1.01 -16.80
CA PRO A 47 35.91 1.54 -18.11
C PRO A 47 34.99 1.02 -19.22
N PRO A 48 34.98 1.71 -20.37
CA PRO A 48 34.15 1.27 -21.51
C PRO A 48 34.79 0.14 -22.33
N VAL A 49 36.10 -0.01 -22.20
CA VAL A 49 36.92 -0.96 -22.97
C VAL A 49 38.01 -1.48 -22.06
N VAL A 50 38.29 -2.78 -22.19
CA VAL A 50 39.43 -3.37 -21.55
C VAL A 50 40.18 -4.22 -22.59
N THR A 51 41.48 -4.38 -22.35
CA THR A 51 42.28 -5.24 -23.21
C THR A 51 42.73 -6.43 -22.39
N TYR A 52 42.63 -7.60 -22.98
CA TYR A 52 43.08 -8.82 -22.32
C TYR A 52 43.70 -9.69 -23.39
N LYS A 53 44.96 -10.08 -23.16
CA LYS A 53 45.70 -10.94 -24.08
C LYS A 53 45.55 -10.47 -25.54
N ASP A 54 45.93 -9.19 -25.74
CA ASP A 54 46.02 -8.53 -27.04
CA ASP A 54 45.99 -8.57 -27.08
C ASP A 54 44.71 -8.22 -27.76
N ASN A 55 43.58 -8.48 -27.13
CA ASN A 55 42.33 -8.14 -27.76
C ASN A 55 41.55 -7.16 -26.90
N LYS A 56 40.82 -6.29 -27.58
CA LYS A 56 39.98 -5.34 -26.87
CA LYS A 56 39.93 -5.30 -26.96
C LYS A 56 38.57 -5.89 -26.76
N TYR A 57 37.96 -5.62 -25.62
CA TYR A 57 36.63 -6.04 -25.29
C TYR A 57 35.84 -4.82 -24.83
N ASP A 58 34.66 -4.68 -25.40
CA ASP A 58 33.73 -3.62 -25.02
C ASP A 58 32.95 -4.06 -23.78
N VAL A 59 32.87 -3.16 -22.80
CA VAL A 59 32.17 -3.41 -21.56
C VAL A 59 30.71 -2.97 -21.76
N VAL A 60 29.82 -3.94 -21.99
CA VAL A 60 28.48 -3.65 -22.45
C VAL A 60 27.36 -4.00 -21.45
N SER A 61 27.72 -4.59 -20.33
CA SER A 61 26.71 -4.97 -19.35
C SER A 61 27.35 -5.09 -17.98
N ILE A 62 26.48 -5.06 -16.97
CA ILE A 62 26.82 -5.41 -15.59
C ILE A 62 26.07 -6.69 -15.29
N GLY A 63 26.80 -7.69 -14.81
CA GLY A 63 26.22 -8.99 -14.63
C GLY A 63 25.25 -9.12 -13.44
N TYR A 64 24.49 -10.20 -13.51
CA TYR A 64 23.65 -10.62 -12.41
C TYR A 64 24.42 -10.61 -11.08
N ALA A 65 23.85 -9.94 -10.08
CA ALA A 65 24.43 -9.88 -8.75
C ALA A 65 25.90 -9.45 -8.71
N ALA A 66 26.34 -8.62 -9.67
CA ALA A 66 27.77 -8.37 -9.79
C ALA A 66 28.36 -7.71 -8.53
N PHE A 67 27.63 -6.75 -7.97
CA PHE A 67 28.09 -6.03 -6.78
C PHE A 67 27.26 -6.35 -5.52
N GLN A 68 26.53 -7.46 -5.58
CA GLN A 68 25.66 -7.85 -4.46
C GLN A 68 26.47 -7.98 -3.17
N GLY A 69 26.04 -7.27 -2.11
CA GLY A 69 26.69 -7.33 -0.82
C GLY A 69 27.98 -6.55 -0.69
N CYS A 70 28.29 -5.70 -1.66
N CYS A 70 28.29 -5.71 -1.67
CA CYS A 70 29.51 -4.89 -1.61
CA CYS A 70 29.50 -4.89 -1.60
C CYS A 70 29.26 -3.65 -0.75
C CYS A 70 29.22 -3.67 -0.74
N ARG A 71 29.26 -3.86 0.57
CA ARG A 71 28.84 -2.86 1.52
C ARG A 71 29.82 -1.74 1.77
N LYS A 72 31.00 -1.78 1.16
CA LYS A 72 31.97 -0.70 1.30
C LYS A 72 31.99 0.30 0.13
N VAL A 73 31.39 -0.07 -1.00
CA VAL A 73 31.43 0.80 -2.19
C VAL A 73 30.59 2.09 -1.97
N THR A 74 31.15 3.27 -2.27
CA THR A 74 30.41 4.51 -2.10
C THR A 74 29.96 5.15 -3.40
N GLU A 75 30.65 4.85 -4.50
CA GLU A 75 30.34 5.43 -5.80
C GLU A 75 30.66 4.40 -6.89
N ILE A 76 29.76 4.25 -7.87
CA ILE A 76 30.05 3.47 -9.07
C ILE A 76 29.80 4.38 -10.27
N LYS A 77 30.81 4.42 -11.14
CA LYS A 77 30.76 5.16 -12.39
CA LYS A 77 30.74 5.17 -12.38
C LYS A 77 30.58 4.18 -13.52
N ILE A 78 29.49 4.30 -14.25
CA ILE A 78 29.13 3.36 -15.29
C ILE A 78 29.28 4.05 -16.66
N PRO A 79 30.07 3.47 -17.58
CA PRO A 79 30.28 4.11 -18.86
C PRO A 79 29.06 3.97 -19.78
N SER A 80 29.00 4.79 -20.81
CA SER A 80 27.85 4.84 -21.70
C SER A 80 27.63 3.59 -22.50
N THR A 81 28.67 2.76 -22.55
CA THR A 81 28.64 1.52 -23.29
C THR A 81 27.83 0.41 -22.62
N VAL A 82 27.55 0.58 -21.33
CA VAL A 82 26.75 -0.39 -20.60
C VAL A 82 25.30 -0.18 -20.96
N ARG A 83 24.70 -1.21 -21.55
CA ARG A 83 23.32 -1.16 -22.03
C ARG A 83 22.37 -2.08 -21.30
N GLU A 84 22.89 -2.87 -20.36
CA GLU A 84 22.09 -3.82 -19.60
CA GLU A 84 22.09 -3.84 -19.60
C GLU A 84 22.70 -3.97 -18.23
N ILE A 85 21.86 -4.01 -17.19
CA ILE A 85 22.28 -4.16 -15.81
C ILE A 85 21.48 -5.35 -15.26
N GLY A 86 22.17 -6.34 -14.71
CA GLY A 86 21.52 -7.57 -14.27
C GLY A 86 20.67 -7.35 -13.02
N GLU A 87 19.80 -8.32 -12.80
CA GLU A 87 19.04 -8.37 -11.52
C GLU A 87 20.02 -8.43 -10.36
N PHE A 88 19.63 -7.88 -9.23
CA PHE A 88 20.44 -7.90 -8.02
C PHE A 88 21.81 -7.21 -8.13
N ALA A 89 22.02 -6.41 -9.17
CA ALA A 89 23.41 -5.97 -9.44
C ALA A 89 24.05 -5.19 -8.29
N PHE A 90 23.28 -4.36 -7.58
CA PHE A 90 23.81 -3.55 -6.50
C PHE A 90 23.05 -3.86 -5.21
N GLU A 91 22.48 -5.06 -5.10
CA GLU A 91 21.67 -5.41 -3.93
CA GLU A 91 21.68 -5.38 -3.92
C GLU A 91 22.55 -5.32 -2.68
N ASN A 92 22.04 -4.66 -1.65
CA ASN A 92 22.76 -4.54 -0.39
C ASN A 92 24.10 -3.85 -0.45
N CYS A 93 24.25 -2.96 -1.42
CA CYS A 93 25.35 -2.00 -1.42
C CYS A 93 24.97 -0.85 -0.51
N SER A 94 25.10 -1.10 0.80
CA SER A 94 24.51 -0.19 1.80
C SER A 94 25.24 1.10 2.05
N LYS A 95 26.43 1.28 1.48
CA LYS A 95 27.13 2.54 1.53
C LYS A 95 27.13 3.27 0.19
N LEU A 96 26.49 2.70 -0.83
CA LEU A 96 26.47 3.30 -2.16
C LEU A 96 25.69 4.63 -2.12
N GLU A 97 26.33 5.74 -2.52
CA GLU A 97 25.73 7.08 -2.48
C GLU A 97 25.57 7.70 -3.87
N ILE A 98 26.47 7.34 -4.79
CA ILE A 98 26.61 7.97 -6.10
CA ILE A 98 26.51 7.96 -6.10
C ILE A 98 26.61 6.88 -7.19
N ILE A 99 25.64 6.90 -8.12
CA ILE A 99 25.63 5.98 -9.28
C ILE A 99 24.85 6.60 -10.40
N ASN A 100 25.30 6.38 -11.62
CA ASN A 100 24.59 6.82 -12.82
C ASN A 100 24.10 5.62 -13.62
N ILE A 101 22.98 5.78 -14.30
CA ILE A 101 22.44 4.75 -15.18
CA ILE A 101 22.42 4.75 -15.17
C ILE A 101 22.52 5.27 -16.60
N PRO A 102 23.32 4.61 -17.47
CA PRO A 102 23.42 5.07 -18.85
C PRO A 102 22.11 5.12 -19.60
N ASP A 103 22.08 5.98 -20.60
CA ASP A 103 20.90 6.26 -21.40
C ASP A 103 20.38 5.06 -22.14
N SER A 104 21.24 4.10 -22.47
CA SER A 104 20.85 2.91 -23.22
CA SER A 104 20.76 2.94 -23.23
C SER A 104 20.16 1.82 -22.38
N VAL A 105 20.19 1.97 -21.04
CA VAL A 105 19.57 0.94 -20.17
C VAL A 105 18.04 1.07 -20.23
N LYS A 106 17.36 -0.03 -20.60
CA LYS A 106 15.92 -0.04 -20.81
C LYS A 106 15.12 -0.63 -19.65
N MSE A 107 15.79 -1.39 -18.80
CA MSE A 107 15.13 -2.07 -17.69
C MSE A 107 15.99 -2.01 -16.44
O MSE A 107 17.23 -2.21 -16.49
CB MSE A 107 14.86 -3.52 -18.02
CG MSE A 107 14.18 -3.77 -19.36
SE MSE A 107 13.95 -5.65 -19.77
CE MSE A 107 14.87 -6.32 -18.17
N ILE A 108 15.35 -1.76 -15.30
CA ILE A 108 15.98 -1.98 -14.03
C ILE A 108 15.32 -3.24 -13.48
N GLY A 109 16.11 -4.28 -13.34
CA GLY A 109 15.59 -5.56 -12.91
C GLY A 109 15.28 -5.70 -11.43
N ARG A 110 14.73 -6.86 -11.13
CA ARG A 110 14.46 -7.32 -9.76
CA ARG A 110 14.43 -7.23 -9.74
C ARG A 110 15.60 -6.98 -8.79
N CYS A 111 15.29 -6.30 -7.69
CA CYS A 111 16.18 -6.10 -6.57
C CYS A 111 17.51 -5.42 -6.94
N THR A 112 17.57 -4.67 -8.05
CA THR A 112 18.87 -4.14 -8.47
C THR A 112 19.48 -3.20 -7.45
N PHE A 113 18.65 -2.37 -6.78
CA PHE A 113 19.10 -1.46 -5.78
C PHE A 113 18.47 -1.73 -4.43
N SER A 114 17.91 -2.91 -4.26
CA SER A 114 17.30 -3.26 -2.99
C SER A 114 18.37 -3.19 -1.89
N GLY A 115 18.06 -2.53 -0.78
CA GLY A 115 19.00 -2.45 0.30
C GLY A 115 20.06 -1.36 0.24
N CYS A 116 19.97 -0.48 -0.75
CA CYS A 116 20.93 0.62 -0.92
C CYS A 116 20.46 1.78 -0.06
N TYR A 117 20.59 1.58 1.25
CA TYR A 117 20.07 2.52 2.24
C TYR A 117 20.76 3.88 2.31
N ALA A 118 21.92 4.03 1.67
CA ALA A 118 22.63 5.28 1.65
C ALA A 118 22.45 6.02 0.30
N LEU A 119 21.72 5.43 -0.63
CA LEU A 119 21.58 6.03 -1.97
C LEU A 119 20.54 7.14 -1.92
N LYS A 120 20.96 8.40 -2.07
CA LYS A 120 20.01 9.51 -1.84
C LYS A 120 19.44 10.10 -3.12
N SER A 121 19.91 9.68 -4.30
CA SER A 121 19.29 10.17 -5.53
C SER A 121 19.60 9.22 -6.67
N ILE A 122 18.77 9.27 -7.68
CA ILE A 122 19.02 8.60 -8.95
C ILE A 122 18.27 9.32 -10.04
N LEU A 123 18.86 9.31 -11.23
CA LEU A 123 18.21 9.79 -12.41
C LEU A 123 18.02 8.63 -13.39
N LEU A 124 16.79 8.34 -13.73
CA LEU A 124 16.48 7.23 -14.61
C LEU A 124 16.61 7.66 -16.07
N PRO A 125 17.07 6.74 -16.94
CA PRO A 125 17.15 7.04 -18.38
C PRO A 125 15.80 7.40 -18.95
N LEU A 126 15.76 8.43 -19.80
CA LEU A 126 14.49 8.85 -20.35
C LEU A 126 13.80 7.80 -21.17
N MSE A 127 14.55 6.86 -21.75
CA MSE A 127 13.96 5.81 -22.59
C MSE A 127 13.71 4.52 -21.81
O MSE A 127 13.47 3.47 -22.37
CB MSE A 127 14.80 5.58 -23.84
CG MSE A 127 14.97 6.86 -24.72
SE MSE A 127 13.38 7.84 -25.18
CE MSE A 127 12.73 6.23 -25.85
N LEU A 128 13.76 4.56 -20.47
CA LEU A 128 13.45 3.39 -19.63
C LEU A 128 12.05 2.85 -19.86
N LYS A 129 11.91 1.53 -19.85
CA LYS A 129 10.66 0.86 -20.14
C LYS A 129 10.08 0.07 -18.96
N SER A 130 10.91 -0.40 -18.05
CA SER A 130 10.38 -1.18 -16.93
CA SER A 130 10.45 -1.30 -16.99
C SER A 130 11.27 -1.12 -15.72
N ILE A 131 10.61 -1.24 -14.57
CA ILE A 131 11.24 -1.28 -13.26
C ILE A 131 10.75 -2.55 -12.56
N GLY A 132 11.67 -3.38 -12.09
CA GLY A 132 11.31 -4.69 -11.58
C GLY A 132 10.85 -4.71 -10.14
N VAL A 133 10.50 -5.92 -9.71
CA VAL A 133 10.08 -6.18 -8.33
C VAL A 133 11.17 -5.75 -7.35
N GLU A 134 10.80 -4.94 -6.37
CA GLU A 134 11.71 -4.56 -5.31
C GLU A 134 12.95 -3.83 -5.84
N ALA A 135 12.85 -3.19 -7.00
CA ALA A 135 14.05 -2.64 -7.65
C ALA A 135 14.78 -1.61 -6.81
N PHE A 136 14.01 -0.78 -6.09
CA PHE A 136 14.57 0.32 -5.30
C PHE A 136 14.20 0.19 -3.81
N LYS A 137 13.90 -1.02 -3.36
CA LYS A 137 13.40 -1.22 -2.01
C LYS A 137 14.45 -0.76 -0.99
N GLY A 138 14.09 0.20 -0.15
CA GLY A 138 15.01 0.69 0.87
C GLY A 138 15.91 1.82 0.46
N CYS A 139 15.88 2.23 -0.79
CA CYS A 139 16.72 3.36 -1.19
C CYS A 139 16.30 4.64 -0.48
N ASP A 140 17.26 5.53 -0.27
CA ASP A 140 17.06 6.73 0.54
C ASP A 140 16.78 8.01 -0.26
N PHE A 141 16.22 7.85 -1.46
CA PHE A 141 15.74 8.96 -2.31
C PHE A 141 14.79 9.89 -1.61
N LYS A 142 14.94 11.19 -1.81
CA LYS A 142 13.89 12.14 -1.46
C LYS A 142 12.85 12.29 -2.59
N GLU A 143 13.28 12.13 -3.84
CA GLU A 143 12.41 12.32 -4.96
C GLU A 143 12.81 11.34 -6.01
N ILE A 144 11.86 10.98 -6.83
CA ILE A 144 12.14 10.23 -8.06
C ILE A 144 11.09 10.55 -9.14
N THR A 145 11.58 10.77 -10.36
CA THR A 145 10.73 10.93 -11.53
C THR A 145 10.83 9.72 -12.43
N ILE A 146 9.69 9.11 -12.69
CA ILE A 146 9.61 7.91 -13.55
CA ILE A 146 9.67 7.93 -13.54
C ILE A 146 9.33 8.34 -14.96
N PRO A 147 10.20 8.00 -15.93
CA PRO A 147 10.01 8.40 -17.31
C PRO A 147 8.66 7.96 -17.89
N GLU A 148 8.12 8.75 -18.81
CA GLU A 148 6.78 8.56 -19.35
CA GLU A 148 6.74 8.50 -19.19
C GLU A 148 6.57 7.22 -20.00
N GLY A 149 7.63 6.66 -20.56
CA GLY A 149 7.56 5.40 -21.24
C GLY A 149 7.65 4.14 -20.42
N VAL A 150 7.82 4.29 -19.10
CA VAL A 150 7.84 3.12 -18.24
C VAL A 150 6.44 2.53 -18.20
N THR A 151 6.29 1.27 -18.62
CA THR A 151 4.99 0.62 -18.71
C THR A 151 4.71 -0.36 -17.57
N VAL A 152 5.73 -0.74 -16.82
CA VAL A 152 5.60 -1.66 -15.69
CA VAL A 152 5.50 -1.56 -15.65
C VAL A 152 6.48 -1.21 -14.54
N ILE A 153 5.93 -1.19 -13.33
CA ILE A 153 6.68 -1.02 -12.13
C ILE A 153 6.29 -2.14 -11.21
N GLY A 154 7.23 -3.00 -10.84
CA GLY A 154 6.90 -4.20 -10.12
C GLY A 154 6.56 -4.00 -8.65
N ASP A 155 6.02 -5.09 -8.06
CA ASP A 155 5.65 -5.12 -6.66
C ASP A 155 6.76 -4.56 -5.79
N GLU A 156 6.38 -3.73 -4.83
CA GLU A 156 7.30 -3.27 -3.79
C GLU A 156 8.55 -2.56 -4.36
N ALA A 157 8.43 -1.96 -5.53
CA ALA A 157 9.62 -1.34 -6.15
C ALA A 157 10.20 -0.20 -5.32
N PHE A 158 9.34 0.52 -4.57
CA PHE A 158 9.74 1.64 -3.74
C PHE A 158 9.38 1.38 -2.29
N ALA A 159 9.19 0.12 -1.91
CA ALA A 159 8.83 -0.16 -0.50
C ALA A 159 9.98 0.24 0.43
N THR A 160 9.64 0.78 1.60
CA THR A 160 10.59 1.14 2.64
C THR A 160 11.55 2.21 2.16
N CYS A 161 11.14 3.06 1.22
CA CYS A 161 11.89 4.24 0.85
C CYS A 161 11.49 5.34 1.83
N GLU A 162 12.19 5.37 2.97
CA GLU A 162 11.72 6.11 4.15
C GLU A 162 11.99 7.61 4.10
N SER A 163 12.72 8.08 3.06
CA SER A 163 12.93 9.51 2.87
C SER A 163 12.12 10.04 1.68
N LEU A 164 11.40 9.19 0.96
CA LEU A 164 10.72 9.61 -0.28
C LEU A 164 9.57 10.58 0.03
N GLU A 165 9.64 11.77 -0.56
CA GLU A 165 8.67 12.81 -0.42
C GLU A 165 8.00 13.21 -1.71
N TYR A 166 8.57 12.83 -2.86
CA TYR A 166 7.99 13.22 -4.13
C TYR A 166 8.20 12.07 -5.09
N VAL A 167 7.12 11.63 -5.75
CA VAL A 167 7.25 10.67 -6.86
C VAL A 167 6.33 11.05 -8.00
N SER A 168 6.88 11.08 -9.22
CA SER A 168 6.12 11.30 -10.43
C SER A 168 6.00 9.99 -11.20
N LEU A 169 4.83 9.37 -11.17
CA LEU A 169 4.51 8.14 -11.88
C LEU A 169 4.21 8.44 -13.33
N PRO A 170 4.38 7.47 -14.24
CA PRO A 170 3.99 7.70 -15.63
C PRO A 170 2.49 7.94 -15.70
N ASP A 171 2.11 8.99 -16.40
CA ASP A 171 0.72 9.33 -16.48
C ASP A 171 -0.16 8.34 -17.19
N SER A 172 0.40 7.46 -18.01
CA SER A 172 -0.35 6.44 -18.69
C SER A 172 -0.61 5.20 -17.88
N MSE A 173 0.00 5.09 -16.70
CA MSE A 173 -0.08 3.87 -15.91
C MSE A 173 -1.51 3.65 -15.40
O MSE A 173 -2.16 4.57 -14.92
CB MSE A 173 0.92 3.93 -14.76
CG MSE A 173 1.00 2.63 -13.95
SE MSE A 173 2.66 2.43 -13.04
CE MSE A 173 3.81 2.18 -14.60
N GLU A 174 -1.98 2.40 -15.47
CA GLU A 174 -3.36 2.10 -15.07
C GLU A 174 -3.48 1.23 -13.83
N THR A 175 -2.41 0.54 -13.45
CA THR A 175 -2.41 -0.32 -12.27
C THR A 175 -1.16 -0.07 -11.42
N LEU A 176 -1.35 0.16 -10.12
CA LEU A 176 -0.25 0.23 -9.16
C LEU A 176 -0.12 -1.12 -8.47
N HIS A 177 1.05 -1.72 -8.59
CA HIS A 177 1.31 -3.05 -8.10
C HIS A 177 1.36 -3.17 -6.58
N ASN A 178 1.23 -4.40 -6.13
CA ASN A 178 1.19 -4.69 -4.71
CA ASN A 178 1.26 -4.73 -4.70
C ASN A 178 2.38 -4.06 -3.95
N GLY A 179 2.07 -3.34 -2.87
CA GLY A 179 3.09 -2.85 -1.97
C GLY A 179 4.05 -1.85 -2.58
N LEU A 180 3.67 -1.20 -3.68
CA LEU A 180 4.60 -0.34 -4.40
C LEU A 180 5.28 0.69 -3.55
N PHE A 181 4.53 1.36 -2.67
CA PHE A 181 5.05 2.37 -1.78
C PHE A 181 4.91 2.00 -0.29
N SER A 182 4.82 0.71 0.00
CA SER A 182 4.62 0.24 1.37
CA SER A 182 4.55 0.35 1.37
C SER A 182 5.75 0.76 2.25
N GLY A 183 5.42 1.38 3.35
CA GLY A 183 6.43 1.86 4.25
C GLY A 183 7.16 3.16 3.92
N CYS A 184 6.62 3.93 2.99
CA CYS A 184 7.18 5.23 2.63
C CYS A 184 6.61 6.28 3.58
N GLY A 185 7.19 6.33 4.77
CA GLY A 185 6.61 7.08 5.87
C GLY A 185 6.80 8.58 5.86
N LYS A 186 7.49 9.11 4.85
CA LYS A 186 7.64 10.56 4.64
CA LYS A 186 7.57 10.57 4.69
C LYS A 186 6.84 11.09 3.44
N LEU A 187 6.16 10.21 2.73
CA LEU A 187 5.40 10.58 1.54
C LEU A 187 4.08 11.24 1.99
N LYS A 188 3.96 12.55 1.83
CA LYS A 188 2.76 13.29 2.24
C LYS A 188 1.69 13.38 1.18
N SER A 189 2.12 13.32 -0.08
CA SER A 189 1.24 13.52 -1.22
C SER A 189 1.66 12.64 -2.37
N ILE A 190 0.72 12.34 -3.25
CA ILE A 190 1.03 11.74 -4.53
C ILE A 190 -0.03 12.14 -5.52
N LYS A 191 0.40 12.44 -6.74
CA LYS A 191 -0.48 12.66 -7.88
C LYS A 191 -0.62 11.35 -8.64
N LEU A 192 -1.82 10.80 -8.65
CA LEU A 192 -2.05 9.54 -9.29
C LEU A 192 -2.14 9.72 -10.79
N PRO A 193 -1.71 8.70 -11.58
CA PRO A 193 -1.90 8.77 -13.03
C PRO A 193 -3.35 9.09 -13.35
N ARG A 194 -3.57 9.94 -14.34
CA ARG A 194 -4.88 10.54 -14.60
CA ARG A 194 -4.90 10.52 -14.51
C ARG A 194 -5.97 9.55 -15.02
N ASN A 195 -5.57 8.40 -15.54
CA ASN A 195 -6.48 7.33 -15.96
CA ASN A 195 -6.53 7.36 -15.89
C ASN A 195 -6.25 6.04 -15.15
N LEU A 196 -5.74 6.17 -13.93
CA LEU A 196 -5.50 5.00 -13.07
C LEU A 196 -6.81 4.24 -12.86
N LYS A 197 -6.73 2.92 -12.92
CA LYS A 197 -7.88 2.01 -12.77
CA LYS A 197 -7.90 2.07 -12.72
C LYS A 197 -7.88 1.24 -11.46
N ILE A 198 -6.69 0.78 -11.07
CA ILE A 198 -6.53 -0.19 -9.96
C ILE A 198 -5.36 0.16 -9.07
N ILE A 199 -5.58 0.14 -7.76
CA ILE A 199 -4.51 0.18 -6.76
C ILE A 199 -4.55 -1.18 -6.07
N ARG A 200 -3.47 -1.94 -6.17
CA ARG A 200 -3.41 -3.28 -5.62
C ARG A 200 -3.11 -3.29 -4.14
N ASP A 201 -3.10 -4.51 -3.58
CA ASP A 201 -2.97 -4.69 -2.13
C ASP A 201 -1.76 -4.01 -1.57
N TYR A 202 -1.84 -3.44 -0.36
CA TYR A 202 -0.74 -2.89 0.38
C TYR A 202 -0.04 -1.72 -0.30
N CYS A 203 -0.62 -1.13 -1.35
CA CYS A 203 0.17 -0.18 -2.16
C CYS A 203 0.77 0.96 -1.33
N PHE A 204 -0.05 1.55 -0.45
CA PHE A 204 0.36 2.67 0.37
C PHE A 204 0.33 2.31 1.85
N ALA A 205 0.38 1.01 2.19
CA ALA A 205 0.38 0.63 3.60
C ALA A 205 1.55 1.22 4.34
N GLU A 206 1.30 1.80 5.52
CA GLU A 206 2.34 2.36 6.36
CA GLU A 206 2.28 2.41 6.38
C GLU A 206 2.92 3.65 5.79
N CYS A 207 2.25 4.26 4.83
CA CYS A 207 2.62 5.63 4.42
C CYS A 207 1.92 6.57 5.41
N ILE A 208 2.50 6.63 6.61
CA ILE A 208 1.82 7.22 7.77
C ILE A 208 1.57 8.71 7.65
N LEU A 209 2.30 9.39 6.77
CA LEU A 209 2.11 10.84 6.55
C LEU A 209 1.27 11.13 5.32
N LEU A 210 0.84 10.14 4.57
CA LEU A 210 0.17 10.38 3.30
C LEU A 210 -1.23 10.95 3.59
N GLU A 211 -1.41 12.19 3.12
CA GLU A 211 -2.63 12.97 3.35
CA GLU A 211 -2.63 12.98 3.34
C GLU A 211 -3.30 13.42 2.06
N ASN A 212 -2.52 13.73 1.01
CA ASN A 212 -3.06 14.36 -0.20
C ASN A 212 -2.98 13.38 -1.36
N MSE A 213 -4.13 12.90 -1.77
CA MSE A 213 -4.27 11.96 -2.88
CA MSE A 213 -4.29 11.90 -2.84
C MSE A 213 -5.69 12.00 -3.38
O MSE A 213 -6.63 11.60 -2.70
CB MSE A 213 -3.87 10.54 -2.48
CB MSE A 213 -4.09 10.49 -2.28
CG MSE A 213 -3.64 9.64 -3.68
CG MSE A 213 -4.41 9.40 -3.31
SE MSE A 213 -3.16 7.81 -3.17
SE MSE A 213 -4.38 7.61 -2.60
CE MSE A 213 -4.64 7.54 -1.96
CE MSE A 213 -2.54 7.50 -1.98
N GLU A 214 -5.86 12.57 -4.56
CA GLU A 214 -7.18 12.65 -5.18
C GLU A 214 -7.38 11.45 -6.05
N PHE A 215 -8.57 10.87 -6.03
CA PHE A 215 -8.90 9.73 -6.85
C PHE A 215 -9.36 10.16 -8.23
N PRO A 216 -8.71 9.66 -9.28
CA PRO A 216 -9.22 9.91 -10.62
C PRO A 216 -10.59 9.29 -10.79
N ASN A 217 -11.40 9.83 -11.70
CA ASN A 217 -12.71 9.26 -11.98
C ASN A 217 -12.67 7.84 -12.50
N SER A 218 -11.54 7.48 -13.11
CA SER A 218 -11.33 6.14 -13.67
C SER A 218 -11.02 5.05 -12.62
N LEU A 219 -10.62 5.45 -11.42
CA LEU A 219 -10.16 4.52 -10.41
C LEU A 219 -11.33 3.80 -9.77
N TYR A 220 -11.36 2.48 -9.93
CA TYR A 220 -12.55 1.74 -9.46
C TYR A 220 -12.27 0.71 -8.39
N TYR A 221 -10.99 0.43 -8.11
CA TYR A 221 -10.60 -0.64 -7.20
C TYR A 221 -9.50 -0.25 -6.28
N LEU A 222 -9.69 -0.52 -5.00
CA LEU A 222 -8.61 -0.43 -3.98
C LEU A 222 -8.47 -1.78 -3.30
N GLY A 223 -7.25 -2.34 -3.32
CA GLY A 223 -6.97 -3.66 -2.79
C GLY A 223 -6.84 -3.72 -1.28
N ASP A 224 -6.63 -4.93 -0.80
CA ASP A 224 -6.54 -5.20 0.61
C ASP A 224 -5.43 -4.36 1.27
N PHE A 225 -5.72 -3.70 2.37
CA PHE A 225 -4.77 -2.90 3.11
C PHE A 225 -4.14 -1.77 2.27
N ALA A 226 -4.77 -1.34 1.16
CA ALA A 226 -4.10 -0.41 0.25
C ALA A 226 -3.77 0.92 0.84
N LEU A 227 -4.61 1.38 1.78
CA LEU A 227 -4.41 2.66 2.44
C LEU A 227 -4.31 2.45 3.94
N SER A 228 -3.85 1.31 4.38
CA SER A 228 -3.73 1.03 5.81
C SER A 228 -2.61 1.82 6.42
N LYS A 229 -2.83 2.31 7.63
CA LYS A 229 -1.81 3.08 8.36
C LYS A 229 -1.29 4.24 7.52
N THR A 230 -2.22 4.94 6.88
CA THR A 230 -1.92 6.17 6.21
C THR A 230 -2.39 7.37 7.03
N GLY A 231 -2.12 8.57 6.52
CA GLY A 231 -2.39 9.80 7.25
C GLY A 231 -3.70 10.47 6.84
N VAL A 232 -4.55 9.78 6.09
CA VAL A 232 -5.75 10.42 5.56
C VAL A 232 -6.68 10.88 6.69
N LYS A 233 -7.33 12.03 6.49
CA LYS A 233 -8.17 12.64 7.53
C LYS A 233 -9.66 12.50 7.26
N ASN A 234 -10.10 12.74 6.02
CA ASN A 234 -11.52 12.67 5.66
C ASN A 234 -11.61 11.97 4.32
N ILE A 235 -12.24 10.81 4.30
CA ILE A 235 -12.36 10.03 3.09
C ILE A 235 -13.79 10.08 2.59
N ILE A 236 -13.92 10.35 1.31
CA ILE A 236 -15.15 10.14 0.55
C ILE A 236 -14.86 9.15 -0.53
N ILE A 237 -15.56 8.03 -0.52
CA ILE A 237 -15.48 7.09 -1.60
C ILE A 237 -16.52 7.46 -2.63
N PRO A 238 -16.09 7.92 -3.80
CA PRO A 238 -17.06 8.38 -4.80
C PRO A 238 -17.74 7.20 -5.47
N ASP A 239 -18.83 7.53 -6.16
CA ASP A 239 -19.65 6.53 -6.83
C ASP A 239 -18.89 5.76 -7.91
N SER A 240 -17.76 6.29 -8.37
CA SER A 240 -16.93 5.66 -9.39
C SER A 240 -16.21 4.40 -8.90
N PHE A 241 -16.10 4.20 -7.59
CA PHE A 241 -15.55 2.94 -7.08
C PHE A 241 -16.57 1.84 -7.24
N THR A 242 -16.10 0.68 -7.67
CA THR A 242 -16.93 -0.52 -7.73
C THR A 242 -16.51 -1.62 -6.75
N GLU A 243 -15.27 -1.65 -6.31
CA GLU A 243 -14.85 -2.60 -5.30
C GLU A 243 -13.75 -2.06 -4.41
N LEU A 244 -13.95 -2.26 -3.11
CA LEU A 244 -12.93 -2.11 -2.08
C LEU A 244 -12.67 -3.49 -1.51
N GLY A 245 -11.38 -3.81 -1.34
CA GLY A 245 -10.93 -5.04 -0.72
C GLY A 245 -11.17 -5.07 0.78
N LYS A 246 -10.39 -5.91 1.47
CA LYS A 246 -10.46 -6.03 2.91
C LYS A 246 -9.52 -5.04 3.59
N SER A 247 -9.90 -4.51 4.74
CA SER A 247 -8.93 -3.85 5.60
C SER A 247 -8.25 -2.65 4.91
N VAL A 248 -8.96 -1.98 4.00
CA VAL A 248 -8.34 -0.99 3.17
C VAL A 248 -7.76 0.15 3.98
N PHE A 249 -8.46 0.55 5.05
CA PHE A 249 -8.04 1.62 5.88
C PHE A 249 -7.64 1.15 7.28
N TYR A 250 -7.18 -0.08 7.37
CA TYR A 250 -6.87 -0.67 8.67
C TYR A 250 -5.95 0.20 9.50
N GLY A 251 -6.34 0.51 10.72
CA GLY A 251 -5.47 1.16 11.65
C GLY A 251 -5.11 2.60 11.40
N CYS A 252 -5.81 3.26 10.48
CA CYS A 252 -5.54 4.69 10.21
C CYS A 252 -5.89 5.49 11.45
N THR A 253 -4.94 6.16 12.05
CA THR A 253 -5.18 6.83 13.33
C THR A 253 -5.60 8.30 13.21
N ASP A 254 -5.42 8.89 12.04
CA ASP A 254 -5.75 10.28 11.79
C ASP A 254 -7.06 10.46 11.08
N LEU A 255 -7.71 9.36 10.71
CA LEU A 255 -8.91 9.37 9.92
C LEU A 255 -10.08 9.74 10.82
N GLU A 256 -10.72 10.86 10.54
CA GLU A 256 -11.79 11.42 11.35
C GLU A 256 -13.19 11.19 10.83
N SER A 257 -13.36 11.15 9.53
CA SER A 257 -14.66 10.90 8.94
C SER A 257 -14.54 10.08 7.68
N ILE A 258 -15.57 9.32 7.38
CA ILE A 258 -15.74 8.54 6.17
C ILE A 258 -17.15 8.64 5.63
N SER A 259 -17.24 8.63 4.31
CA SER A 259 -18.49 8.63 3.61
C SER A 259 -18.42 7.64 2.48
N ILE A 260 -19.26 6.63 2.54
CA ILE A 260 -19.34 5.60 1.54
C ILE A 260 -20.80 5.42 1.30
N GLN A 261 -21.34 6.14 0.32
CA GLN A 261 -22.77 6.25 0.21
C GLN A 261 -23.37 5.33 -0.82
N ASN A 262 -22.55 4.86 -1.75
CA ASN A 262 -23.02 4.13 -2.87
C ASN A 262 -23.66 2.81 -2.45
N ASN A 263 -24.88 2.61 -2.90
CA ASN A 263 -25.65 1.45 -2.52
C ASN A 263 -25.12 0.13 -3.12
N LYS A 264 -24.43 0.22 -4.27
CA LYS A 264 -23.97 -0.99 -4.98
CA LYS A 264 -23.93 -0.89 -5.12
C LYS A 264 -22.47 -1.30 -4.85
N LEU A 265 -21.72 -0.51 -4.09
CA LEU A 265 -20.28 -0.79 -3.89
C LEU A 265 -20.02 -2.12 -3.19
N ARG A 266 -19.15 -2.97 -3.79
CA ARG A 266 -18.65 -4.19 -3.14
CA ARG A 266 -18.65 -4.20 -3.14
C ARG A 266 -17.51 -3.86 -2.17
N ILE A 267 -17.56 -4.39 -0.95
CA ILE A 267 -16.65 -4.01 0.12
C ILE A 267 -16.27 -5.25 0.93
N GLY A 268 -14.99 -5.45 1.17
CA GLY A 268 -14.53 -6.50 2.06
C GLY A 268 -14.68 -6.14 3.53
N GLY A 269 -14.34 -7.09 4.38
CA GLY A 269 -14.40 -6.91 5.80
C GLY A 269 -13.33 -6.01 6.37
N SER A 270 -13.55 -5.59 7.61
CA SER A 270 -12.53 -4.92 8.43
C SER A 270 -12.01 -3.61 7.85
N LEU A 271 -12.84 -2.87 7.11
CA LEU A 271 -12.34 -1.72 6.38
C LEU A 271 -11.71 -0.67 7.26
N PHE A 272 -12.36 -0.37 8.39
CA PHE A 272 -11.93 0.66 9.32
C PHE A 272 -11.56 0.09 10.67
N TYR A 273 -11.11 -1.17 10.66
CA TYR A 273 -10.71 -1.82 11.90
C TYR A 273 -9.60 -1.02 12.57
N ASN A 274 -9.78 -0.73 13.87
CA ASN A 274 -8.80 0.01 14.64
C ASN A 274 -8.55 1.42 14.16
N CYS A 275 -9.54 2.03 13.50
CA CYS A 275 -9.48 3.47 13.18
C CYS A 275 -9.97 4.23 14.42
N SER A 276 -9.05 4.39 15.36
CA SER A 276 -9.35 4.89 16.69
C SER A 276 -9.54 6.40 16.81
N GLY A 277 -9.36 7.10 15.69
CA GLY A 277 -9.70 8.52 15.60
C GLY A 277 -10.98 8.83 14.86
N LEU A 278 -11.63 7.82 14.30
CA LEU A 278 -12.79 7.99 13.41
C LEU A 278 -13.96 8.48 14.31
N LYS A 279 -14.54 9.62 13.93
CA LYS A 279 -15.61 10.25 14.70
CA LYS A 279 -15.66 10.23 14.66
C LYS A 279 -16.99 10.11 14.02
N LYS A 280 -17.02 10.19 12.69
CA LYS A 280 -18.25 10.30 11.93
CA LYS A 280 -18.22 10.33 11.91
C LYS A 280 -18.24 9.41 10.71
N VAL A 281 -19.35 8.75 10.50
CA VAL A 281 -19.59 7.86 9.41
C VAL A 281 -20.91 8.16 8.70
N ILE A 282 -20.86 8.18 7.37
CA ILE A 282 -22.05 8.09 6.54
C ILE A 282 -21.86 6.85 5.68
N TYR A 283 -22.82 5.94 5.70
CA TYR A 283 -22.63 4.64 5.07
C TYR A 283 -23.93 4.17 4.43
N GLY A 284 -23.87 3.80 3.16
CA GLY A 284 -25.04 3.41 2.37
C GLY A 284 -25.01 2.10 1.67
N SER A 285 -23.90 1.36 1.72
CA SER A 285 -23.87 0.08 1.03
CA SER A 285 -23.86 0.11 1.03
C SER A 285 -24.80 -0.91 1.74
N VAL A 286 -25.36 -1.83 0.98
CA VAL A 286 -26.44 -2.70 1.47
C VAL A 286 -26.06 -3.52 2.72
N ILE A 287 -24.82 -3.99 2.74
CA ILE A 287 -24.28 -4.75 3.86
C ILE A 287 -23.17 -3.91 4.51
N VAL A 288 -23.16 -3.84 5.84
CA VAL A 288 -22.01 -3.40 6.61
C VAL A 288 -21.22 -4.69 6.92
N PRO A 289 -20.10 -4.96 6.22
CA PRO A 289 -19.44 -6.26 6.41
C PRO A 289 -18.90 -6.49 7.81
N GLU A 290 -18.51 -7.73 8.06
CA GLU A 290 -17.89 -8.06 9.33
C GLU A 290 -16.80 -7.07 9.72
N LYS A 291 -16.78 -6.70 10.99
CA LYS A 291 -15.70 -5.99 11.61
C LYS A 291 -15.42 -4.64 10.98
N THR A 292 -16.39 -4.03 10.26
CA THR A 292 -16.08 -2.80 9.53
C THR A 292 -15.55 -1.70 10.41
N PHE A 293 -16.21 -1.48 11.56
CA PHE A 293 -15.83 -0.43 12.47
C PHE A 293 -15.31 -0.97 13.79
N TYR A 294 -14.71 -2.16 13.74
CA TYR A 294 -14.19 -2.77 14.98
C TYR A 294 -13.20 -1.84 15.66
N GLY A 295 -13.36 -1.59 16.95
CA GLY A 295 -12.36 -0.82 17.68
C GLY A 295 -12.33 0.63 17.34
N CYS A 296 -13.38 1.16 16.75
CA CYS A 296 -13.45 2.59 16.45
C CYS A 296 -13.99 3.30 17.70
N SER A 297 -13.08 3.43 18.67
CA SER A 297 -13.40 3.87 20.01
C SER A 297 -13.71 5.34 20.17
N SER A 298 -13.49 6.14 19.14
CA SER A 298 -13.91 7.55 19.10
C SER A 298 -15.17 7.81 18.27
N LEU A 299 -15.77 6.77 17.71
CA LEU A 299 -16.89 6.93 16.77
C LEU A 299 -18.14 7.35 17.56
N THR A 300 -18.69 8.51 17.19
CA THR A 300 -19.83 9.09 17.91
C THR A 300 -20.99 9.47 17.02
N GLU A 301 -20.86 9.45 15.69
CA GLU A 301 -21.97 9.71 14.80
C GLU A 301 -21.96 8.74 13.65
N VAL A 302 -23.03 7.97 13.53
CA VAL A 302 -23.16 6.99 12.46
C VAL A 302 -24.48 7.18 11.76
N LYS A 303 -24.40 7.60 10.49
CA LYS A 303 -25.56 7.70 9.62
C LYS A 303 -25.59 6.53 8.67
N LEU A 304 -26.53 5.62 8.89
CA LEU A 304 -26.82 4.50 7.99
C LEU A 304 -27.95 4.89 7.08
N LEU A 305 -27.70 4.92 5.77
CA LEU A 305 -28.74 5.27 4.81
C LEU A 305 -29.79 4.16 4.69
N ASP A 306 -30.96 4.50 4.13
CA ASP A 306 -32.07 3.58 4.00
C ASP A 306 -31.73 2.37 3.17
N SER A 307 -30.67 2.46 2.38
CA SER A 307 -30.20 1.35 1.57
C SER A 307 -29.49 0.26 2.40
N VAL A 308 -29.12 0.52 3.65
CA VAL A 308 -28.43 -0.46 4.52
C VAL A 308 -29.43 -1.45 5.07
N LYS A 309 -29.17 -2.73 4.85
CA LYS A 309 -30.06 -3.79 5.30
C LYS A 309 -29.49 -4.86 6.19
N PHE A 310 -28.16 -4.94 6.28
CA PHE A 310 -27.49 -5.96 7.12
C PHE A 310 -26.34 -5.35 7.87
N ILE A 311 -26.26 -5.62 9.17
CA ILE A 311 -25.14 -5.20 10.00
C ILE A 311 -24.33 -6.45 10.34
N GLY A 312 -23.11 -6.56 9.80
CA GLY A 312 -22.32 -7.71 9.92
C GLY A 312 -21.81 -8.03 11.29
N GLU A 313 -21.33 -9.26 11.43
CA GLU A 313 -20.69 -9.73 12.64
C GLU A 313 -19.61 -8.78 13.13
N GLU A 314 -19.63 -8.41 14.41
CA GLU A 314 -18.63 -7.56 15.05
C GLU A 314 -18.47 -6.20 14.36
N ALA A 315 -19.48 -5.73 13.63
CA ALA A 315 -19.28 -4.49 12.86
C ALA A 315 -18.95 -3.26 13.67
N PHE A 316 -19.58 -3.15 14.83
CA PHE A 316 -19.39 -2.05 15.73
C PHE A 316 -18.83 -2.49 17.10
N GLU A 317 -18.23 -3.68 17.13
CA GLU A 317 -17.69 -4.16 18.41
C GLU A 317 -16.61 -3.18 18.91
N SER A 318 -16.62 -2.88 20.21
CA SER A 318 -15.62 -2.06 20.84
C SER A 318 -15.67 -0.59 20.40
N CYS A 319 -16.83 -0.16 19.90
CA CYS A 319 -17.07 1.28 19.63
C CYS A 319 -17.61 1.91 20.91
N THR A 320 -16.70 2.19 21.81
CA THR A 320 -16.98 2.51 23.21
C THR A 320 -17.48 3.93 23.47
N SER A 321 -17.49 4.78 22.46
CA SER A 321 -18.00 6.15 22.58
C SER A 321 -19.36 6.35 21.92
N LEU A 322 -19.88 5.35 21.23
CA LEU A 322 -21.10 5.49 20.46
C LEU A 322 -22.32 5.42 21.41
N VAL A 323 -23.12 6.47 21.43
CA VAL A 323 -24.25 6.61 22.36
C VAL A 323 -25.56 6.29 21.68
N SER A 324 -25.71 6.71 20.44
CA SER A 324 -26.96 6.55 19.66
C SER A 324 -26.67 6.00 18.29
N ILE A 325 -27.56 5.15 17.81
CA ILE A 325 -27.57 4.78 16.41
C ILE A 325 -29.01 4.51 15.96
N ASP A 326 -29.35 5.15 14.85
CA ASP A 326 -30.65 4.99 14.20
C ASP A 326 -30.50 3.94 13.14
N LEU A 327 -31.10 2.79 13.37
CA LEU A 327 -31.10 1.70 12.39
C LEU A 327 -32.20 2.02 11.39
N PRO A 328 -31.88 1.98 10.10
CA PRO A 328 -32.87 2.40 9.13
C PRO A 328 -33.96 1.38 8.92
N TYR A 329 -35.00 1.83 8.24
CA TYR A 329 -36.28 1.16 8.33
C TYR A 329 -36.42 -0.18 7.67
N LEU A 330 -35.42 -0.62 6.89
CA LEU A 330 -35.45 -1.92 6.23
C LEU A 330 -34.33 -2.87 6.72
N VAL A 331 -33.67 -2.54 7.81
CA VAL A 331 -32.65 -3.47 8.36
C VAL A 331 -33.26 -4.82 8.70
N GLU A 332 -32.62 -5.87 8.19
CA GLU A 332 -33.12 -7.24 8.36
C GLU A 332 -32.38 -8.05 9.42
N GLU A 333 -31.08 -7.84 9.57
CA GLU A 333 -30.24 -8.67 10.44
CA GLU A 333 -30.30 -8.63 10.50
C GLU A 333 -29.20 -7.82 11.13
N ILE A 334 -28.98 -8.13 12.41
CA ILE A 334 -27.86 -7.63 13.19
C ILE A 334 -27.02 -8.85 13.55
N GLY A 335 -25.73 -8.84 13.21
CA GLY A 335 -24.88 -9.98 13.40
C GLY A 335 -24.41 -10.29 14.79
N LYS A 336 -23.76 -11.44 14.90
CA LYS A 336 -23.13 -11.86 16.15
C LYS A 336 -22.19 -10.77 16.64
N ARG A 337 -22.27 -10.40 17.91
CA ARG A 337 -21.36 -9.44 18.55
C ARG A 337 -21.33 -8.11 17.79
N SER A 338 -22.39 -7.75 17.06
CA SER A 338 -22.28 -6.52 16.27
CA SER A 338 -22.32 -6.53 16.25
C SER A 338 -22.10 -5.24 17.04
N PHE A 339 -22.64 -5.18 18.27
CA PHE A 339 -22.44 -4.03 19.16
C PHE A 339 -21.82 -4.48 20.48
N ARG A 340 -21.07 -5.56 20.48
CA ARG A 340 -20.47 -6.03 21.69
C ARG A 340 -19.52 -4.97 22.22
N GLY A 341 -19.58 -4.74 23.53
CA GLY A 341 -18.66 -3.83 24.15
C GLY A 341 -18.87 -2.37 23.82
N CYS A 342 -20.04 -2.01 23.32
CA CYS A 342 -20.37 -0.59 23.09
C CYS A 342 -20.90 -0.03 24.41
N THR A 343 -19.95 0.28 25.29
CA THR A 343 -20.19 0.67 26.67
CA THR A 343 -20.30 0.57 26.66
C THR A 343 -21.07 1.89 26.85
N SER A 344 -21.06 2.78 25.88
CA SER A 344 -21.84 4.02 25.95
C SER A 344 -23.19 3.94 25.27
N LEU A 345 -23.51 2.85 24.59
CA LEU A 345 -24.69 2.78 23.73
C LEU A 345 -25.94 2.82 24.61
N SER A 346 -26.81 3.79 24.34
CA SER A 346 -28.02 4.03 25.13
CA SER A 346 -28.01 4.05 25.12
C SER A 346 -29.27 4.04 24.27
N ASN A 347 -29.17 4.51 23.05
CA ASN A 347 -30.30 4.75 22.16
C ASN A 347 -30.15 3.98 20.87
N ILE A 348 -30.95 2.95 20.69
CA ILE A 348 -30.99 2.17 19.48
C ILE A 348 -32.41 1.68 19.29
N ASN A 349 -32.88 1.79 18.07
CA ASN A 349 -34.18 1.29 17.66
C ASN A 349 -34.09 -0.03 16.92
N PHE A 350 -35.18 -0.78 16.94
CA PHE A 350 -35.26 -2.08 16.32
C PHE A 350 -36.41 -2.08 15.34
N PRO A 351 -36.13 -1.82 14.07
CA PRO A 351 -37.21 -1.74 13.13
C PRO A 351 -37.95 -3.07 12.93
N LEU A 352 -39.23 -3.01 12.57
CA LEU A 352 -40.03 -4.22 12.43
C LEU A 352 -39.62 -5.10 11.26
N SER A 353 -38.77 -4.60 10.35
CA SER A 353 -38.13 -5.44 9.32
C SER A 353 -37.11 -6.43 9.89
N LEU A 354 -36.67 -6.20 11.13
CA LEU A 354 -35.63 -7.02 11.73
C LEU A 354 -36.11 -8.43 11.92
N ARG A 355 -35.31 -9.38 11.43
CA ARG A 355 -35.62 -10.79 11.49
C ARG A 355 -34.71 -11.56 12.44
N LYS A 356 -33.52 -11.07 12.66
CA LYS A 356 -32.48 -11.85 13.38
C LYS A 356 -31.55 -10.90 14.12
N ILE A 357 -31.20 -11.28 15.35
CA ILE A 357 -30.14 -10.68 16.13
C ILE A 357 -29.16 -11.78 16.48
N GLY A 358 -27.88 -11.55 16.21
CA GLY A 358 -26.87 -12.58 16.43
C GLY A 358 -26.43 -12.70 17.86
N ALA A 359 -25.69 -13.76 18.15
CA ALA A 359 -25.31 -14.10 19.50
C ALA A 359 -24.52 -12.97 20.11
N ASN A 360 -24.91 -12.57 21.32
CA ASN A 360 -24.16 -11.59 22.07
C ASN A 360 -23.99 -10.26 21.33
N ALA A 361 -24.99 -9.92 20.51
CA ALA A 361 -24.92 -8.67 19.77
C ALA A 361 -24.76 -7.44 20.66
N PHE A 362 -25.36 -7.50 21.87
CA PHE A 362 -25.32 -6.39 22.80
C PHE A 362 -24.67 -6.74 24.12
N GLN A 363 -23.84 -7.79 24.10
CA GLN A 363 -23.06 -8.12 25.27
C GLN A 363 -22.14 -6.96 25.62
N GLY A 364 -22.06 -6.62 26.90
CA GLY A 364 -21.26 -5.52 27.35
C GLY A 364 -21.87 -4.15 27.16
N CYS A 365 -23.09 -4.08 26.65
CA CYS A 365 -23.79 -2.79 26.47
C CYS A 365 -24.49 -2.42 27.75
N ILE A 366 -23.65 -2.04 28.72
CA ILE A 366 -24.08 -1.82 30.09
C ILE A 366 -24.98 -0.60 30.26
N ASN A 367 -24.92 0.35 29.33
CA ASN A 367 -25.71 1.57 29.39
C ASN A 367 -26.95 1.51 28.54
N LEU A 368 -27.21 0.34 27.97
CA LEU A 368 -28.38 0.13 27.19
C LEU A 368 -29.47 -0.32 28.17
N LYS A 369 -30.26 0.65 28.63
CA LYS A 369 -31.17 0.43 29.78
C LYS A 369 -32.57 0.07 29.36
N LYS A 370 -33.02 0.57 28.20
CA LYS A 370 -34.39 0.37 27.75
C LYS A 370 -34.42 0.15 26.25
N VAL A 371 -35.01 -0.93 25.80
N VAL A 371 -35.10 -0.94 25.86
CA VAL A 371 -35.29 -1.03 24.38
CA VAL A 371 -35.22 -1.43 24.48
C VAL A 371 -36.71 -1.49 24.20
C VAL A 371 -36.68 -1.77 24.14
N GLU A 372 -37.18 -1.34 22.98
CA GLU A 372 -38.50 -1.75 22.53
C GLU A 372 -38.32 -2.76 21.41
N LEU A 373 -38.82 -4.00 21.59
CA LEU A 373 -38.78 -5.09 20.60
C LEU A 373 -40.13 -5.76 20.44
N PRO A 374 -40.41 -6.32 19.26
CA PRO A 374 -41.59 -7.15 19.16
C PRO A 374 -41.41 -8.42 19.96
N LYS A 375 -42.50 -8.87 20.56
CA LYS A 375 -42.57 -10.16 21.22
C LYS A 375 -42.01 -11.26 20.32
N ARG A 376 -42.18 -11.13 19.00
CA ARG A 376 -41.66 -12.06 17.99
C ARG A 376 -40.13 -12.27 18.07
N LEU A 377 -39.44 -11.29 18.65
CA LEU A 377 -37.98 -11.38 18.79
C LEU A 377 -37.54 -11.57 20.21
N GLU A 378 -38.45 -11.98 21.10
CA GLU A 378 -38.10 -12.04 22.51
C GLU A 378 -37.00 -13.05 22.84
N GLN A 379 -36.81 -14.09 22.02
CA GLN A 379 -35.73 -15.06 22.27
C GLN A 379 -34.36 -14.42 22.22
N TYR A 380 -34.25 -13.24 21.58
CA TYR A 380 -32.97 -12.54 21.55
C TYR A 380 -32.69 -11.70 22.77
N ARG A 381 -33.57 -11.74 23.78
CA ARG A 381 -33.33 -10.97 24.96
C ARG A 381 -32.03 -11.38 25.68
N TYR A 382 -31.62 -12.62 25.48
CA TYR A 382 -30.40 -13.14 26.10
C TYR A 382 -29.11 -12.57 25.51
N ASP A 383 -29.25 -11.86 24.39
CA ASP A 383 -28.12 -11.26 23.69
C ASP A 383 -27.85 -9.82 24.12
N PHE A 384 -28.59 -9.39 25.13
CA PHE A 384 -28.39 -8.12 25.82
C PHE A 384 -27.87 -8.34 27.23
N GLU A 385 -27.31 -7.31 27.85
CA GLU A 385 -27.02 -7.38 29.27
C GLU A 385 -28.28 -7.63 30.07
N ASP A 386 -28.13 -8.33 31.20
CA ASP A 386 -29.29 -8.70 32.02
C ASP A 386 -29.92 -7.49 32.71
N THR A 387 -29.27 -6.33 32.67
CA THR A 387 -29.81 -5.08 33.18
C THR A 387 -30.76 -4.37 32.20
N THR A 388 -30.74 -4.73 30.92
CA THR A 388 -31.60 -4.10 29.91
C THR A 388 -33.04 -4.47 30.21
N LYS A 389 -33.89 -3.44 30.22
CA LYS A 389 -35.33 -3.62 30.35
C LYS A 389 -35.99 -3.53 28.99
N PHE A 390 -37.00 -4.37 28.77
CA PHE A 390 -37.66 -4.50 27.49
C PHE A 390 -39.12 -4.06 27.57
N LYS A 391 -39.55 -3.38 26.53
CA LYS A 391 -40.97 -3.17 26.24
C LYS A 391 -41.33 -4.01 25.04
N TRP A 392 -42.25 -4.94 25.22
CA TRP A 392 -42.59 -5.93 24.23
C TRP A 392 -43.80 -5.52 23.43
N ILE A 393 -43.67 -5.54 22.11
CA ILE A 393 -44.72 -5.09 21.21
C ILE A 393 -45.49 -6.32 20.75
N LYS A 394 -46.80 -6.27 20.94
CA LYS A 394 -47.64 -7.40 20.58
C LYS A 394 -47.65 -7.59 19.06
C1 EDO B . -7.05 17.66 2.47
O1 EDO B . -6.08 18.62 2.86
C2 EDO B . -6.42 16.40 1.90
O2 EDO B . -5.78 16.73 0.65
C1 EDO C . -21.09 -4.34 0.91
O1 EDO C . -22.54 -4.19 0.59
C2 EDO C . -20.56 -5.80 0.84
O2 EDO C . -19.99 -6.08 -0.46
#